data_2CIC
#
_entry.id   2CIC
#
_cell.length_a   93.397
_cell.length_b   93.397
_cell.length_c   143.634
_cell.angle_alpha   90.00
_cell.angle_beta   90.00
_cell.angle_gamma   90.00
#
_symmetry.space_group_name_H-M   'I 41 2 2'
#
loop_
_entity.id
_entity.type
_entity.pdbx_description
1 polymer "DEOXYURIDINE 5'-TRIPHOSPHATE NUCLEOTIDE HYDROLASE"
2 non-polymer "2'-DEOXYURIDINE 5'-ALPHA,BETA-IMIDO-TRIPHOSPHATE"
3 non-polymer 'MAGNESIUM ION'
4 water water
#
_entity_poly.entity_id   1
_entity_poly.type   'polypeptide(L)'
_entity_poly.pdbx_seq_one_letter_code
;MTNIEILENMLKLQQKLNDETNGLNWENGYTKEGKLISWRRCIYMECAELIDSFTWKHWKNISSLTNWENVRIEIVDIWH
FILSLLLEEYRDKNNKDFKAIATEVNAVSVFQDFCKEEEYPNEGDIYGILNDIELIIHKCSGFGFNLGELLSTYFTLAIK
CGLNLEILYKTYIGKNVLNIFRQNNGYKDGSYKKTWNGKEDNEVLAQILEQELDFDTIYKKLEECYKKA
;
_entity_poly.pdbx_strand_id   A
#
loop_
_chem_comp.id
_chem_comp.type
_chem_comp.name
_chem_comp.formula
DUP non-polymer '2'-DEOXYURIDINE 5'-ALPHA,BETA-IMIDO-TRIPHOSPHATE' 'C9 H16 N3 O13 P3'
MG non-polymer 'MAGNESIUM ION' 'Mg 2'
#
# COMPACT_ATOMS: atom_id res chain seq x y z
N MET A 1 -7.61 -16.19 -12.11
CA MET A 1 -6.93 -15.06 -12.82
C MET A 1 -5.47 -15.36 -12.92
N THR A 2 -4.88 -14.91 -14.01
CA THR A 2 -3.47 -14.97 -14.22
C THR A 2 -2.80 -13.88 -13.37
N ASN A 3 -1.49 -13.98 -13.20
CA ASN A 3 -0.81 -12.97 -12.43
C ASN A 3 -0.88 -11.61 -13.09
N ILE A 4 -0.75 -11.59 -14.41
CA ILE A 4 -0.90 -10.34 -15.15
C ILE A 4 -2.31 -9.79 -14.96
N GLU A 5 -3.34 -10.63 -14.96
CA GLU A 5 -4.72 -10.11 -14.74
C GLU A 5 -4.90 -9.51 -13.34
N ILE A 6 -4.28 -10.13 -12.35
CA ILE A 6 -4.29 -9.57 -10.99
C ILE A 6 -3.63 -8.21 -11.02
N LEU A 7 -2.48 -8.10 -11.66
CA LEU A 7 -1.78 -6.81 -11.72
C LEU A 7 -2.60 -5.74 -12.45
N GLU A 8 -3.20 -6.15 -13.57
CA GLU A 8 -4.09 -5.27 -14.33
C GLU A 8 -5.23 -4.81 -13.48
N ASN A 9 -5.78 -5.70 -12.65
CA ASN A 9 -6.91 -5.33 -11.87
C ASN A 9 -6.50 -4.31 -10.82
N MET A 10 -5.34 -4.53 -10.20
CA MET A 10 -4.80 -3.52 -9.22
C MET A 10 -4.57 -2.15 -9.84
N LEU A 11 -4.01 -2.12 -11.03
CA LEU A 11 -3.81 -0.85 -11.76
C LEU A 11 -5.15 -0.16 -12.01
N LYS A 12 -6.15 -0.92 -12.42
CA LYS A 12 -7.52 -0.36 -12.67
C LYS A 12 -8.13 0.23 -11.41
N LEU A 13 -8.00 -0.49 -10.30
CA LEU A 13 -8.51 -0.01 -9.03
C LEU A 13 -7.74 1.23 -8.59
N GLN A 14 -6.41 1.24 -8.78
CA GLN A 14 -5.62 2.43 -8.39
C GLN A 14 -6.02 3.62 -9.22
N GLN A 15 -6.17 3.40 -10.53
CA GLN A 15 -6.65 4.47 -11.41
C GLN A 15 -7.95 5.06 -10.94
N LYS A 16 -8.93 4.23 -10.64
CA LYS A 16 -10.21 4.68 -10.18
C LYS A 16 -10.13 5.43 -8.85
N LEU A 17 -9.37 4.87 -7.90
CA LEU A 17 -9.21 5.54 -6.64
C LEU A 17 -8.54 6.93 -6.83
N ASN A 18 -7.54 7.01 -7.66
CA ASN A 18 -6.79 8.27 -7.85
C ASN A 18 -7.66 9.32 -8.59
N ASP A 19 -8.48 8.85 -9.53
CA ASP A 19 -9.46 9.74 -10.20
C ASP A 19 -10.44 10.32 -9.18
N GLU A 20 -10.94 9.50 -8.25
CA GLU A 20 -11.89 9.93 -7.24
C GLU A 20 -11.22 10.83 -6.20
N THR A 21 -9.99 10.52 -5.86
CA THR A 21 -9.29 11.26 -4.83
C THR A 21 -8.83 12.61 -5.35
N ASN A 22 -8.28 12.59 -6.56
CA ASN A 22 -7.53 13.71 -7.10
C ASN A 22 -8.18 14.44 -8.25
N GLY A 23 -9.27 13.91 -8.75
CA GLY A 23 -9.79 14.30 -10.06
C GLY A 23 -9.03 13.82 -11.26
N LEU A 24 -9.70 13.87 -12.41
CA LEU A 24 -9.10 13.41 -13.64
C LEU A 24 -7.87 14.26 -13.97
N ASN A 25 -6.92 13.63 -14.63
CA ASN A 25 -5.68 14.15 -15.05
C ASN A 25 -4.75 14.55 -13.91
N TRP A 26 -4.95 13.86 -12.78
CA TRP A 26 -3.98 13.90 -11.68
C TRP A 26 -2.55 13.51 -12.11
N GLU A 27 -2.44 12.76 -13.21
CA GLU A 27 -1.13 12.36 -13.75
C GLU A 27 -0.22 13.58 -14.10
N ASN A 28 -0.86 14.72 -14.30
CA ASN A 28 -0.14 15.94 -14.63
C ASN A 28 0.40 16.69 -13.42
N GLY A 29 0.09 16.23 -12.22
CA GLY A 29 0.82 16.64 -11.06
C GLY A 29 0.09 17.38 -9.96
N TYR A 30 -1.19 17.71 -10.20
CA TYR A 30 -2.00 18.47 -9.25
C TYR A 30 -3.36 17.88 -9.05
N THR A 31 -3.87 17.91 -7.83
CA THR A 31 -5.23 17.54 -7.57
C THR A 31 -6.14 18.68 -8.07
N LYS A 32 -7.43 18.41 -8.13
CA LYS A 32 -8.41 19.45 -8.52
C LYS A 32 -8.36 20.62 -7.57
N GLU A 33 -8.10 20.37 -6.29
CA GLU A 33 -8.03 21.41 -5.27
C GLU A 33 -6.71 22.17 -5.25
N GLY A 34 -5.81 21.81 -6.14
CA GLY A 34 -4.56 22.46 -6.35
C GLY A 34 -3.41 22.04 -5.47
N LYS A 35 -3.49 20.81 -4.97
CA LYS A 35 -2.36 20.27 -4.17
C LYS A 35 -1.40 19.56 -5.08
N LEU A 36 -0.12 19.80 -4.86
CA LEU A 36 0.88 19.19 -5.65
C LEU A 36 1.03 17.71 -5.27
N ILE A 37 1.15 16.86 -6.27
CA ILE A 37 1.28 15.44 -6.07
C ILE A 37 2.71 14.99 -6.26
N SER A 38 3.31 14.32 -5.26
CA SER A 38 4.66 13.80 -5.42
C SER A 38 4.56 12.34 -4.97
N TRP A 39 4.47 11.42 -5.94
CA TRP A 39 4.42 9.99 -5.55
C TRP A 39 5.75 9.54 -4.88
N ARG A 40 6.87 10.16 -5.28
CA ARG A 40 8.19 9.89 -4.64
C ARG A 40 8.06 10.14 -3.15
N ARG A 41 7.58 11.32 -2.76
CA ARG A 41 7.33 11.62 -1.34
C ARG A 41 6.33 10.66 -0.67
N CYS A 42 5.24 10.31 -1.35
CA CYS A 42 4.24 9.39 -0.77
C CYS A 42 4.95 8.05 -0.43
N ILE A 43 5.81 7.63 -1.33
CA ILE A 43 6.53 6.36 -1.14
C ILE A 43 7.51 6.45 0.03
N TYR A 44 8.45 7.37 0.02
CA TYR A 44 9.43 7.38 1.13
C TYR A 44 8.76 7.69 2.49
N MET A 45 7.68 8.48 2.51
CA MET A 45 6.96 8.75 3.73
C MET A 45 6.25 7.48 4.22
N GLU A 46 5.66 6.71 3.32
CA GLU A 46 5.01 5.49 3.75
C GLU A 46 6.08 4.47 4.23
N CYS A 47 7.24 4.47 3.58
CA CYS A 47 8.35 3.62 4.05
C CYS A 47 8.71 3.95 5.50
N ALA A 48 8.74 5.25 5.86
CA ALA A 48 9.02 5.67 7.22
C ALA A 48 7.94 5.16 8.15
N GLU A 49 6.69 5.20 7.71
CA GLU A 49 5.63 4.66 8.52
C GLU A 49 5.84 3.14 8.77
N LEU A 50 6.23 2.42 7.72
CA LEU A 50 6.50 0.97 7.81
C LEU A 50 7.64 0.75 8.83
N ILE A 51 8.70 1.57 8.74
CA ILE A 51 9.84 1.42 9.69
C ILE A 51 9.34 1.51 11.14
N ASP A 52 8.42 2.42 11.40
CA ASP A 52 7.84 2.53 12.74
C ASP A 52 7.07 1.31 13.26
N SER A 53 6.79 0.30 12.43
CA SER A 53 6.20 -0.96 12.93
C SER A 53 7.22 -1.79 13.68
N PHE A 54 8.48 -1.42 13.57
CA PHE A 54 9.57 -2.19 14.20
C PHE A 54 10.24 -1.42 15.32
N THR A 55 10.94 -2.17 16.19
CA THR A 55 11.66 -1.59 17.31
C THR A 55 13.00 -1.04 16.88
N TRP A 56 12.96 -0.09 15.97
CA TRP A 56 14.19 0.49 15.43
C TRP A 56 14.79 1.50 16.38
N LYS A 57 13.97 2.14 17.19
CA LYS A 57 14.48 3.17 18.09
C LYS A 57 15.30 2.49 19.20
N HIS A 58 16.56 2.86 19.30
CA HIS A 58 17.43 2.28 20.30
C HIS A 58 17.18 2.81 21.73
N TRP A 59 16.37 3.84 21.90
CA TRP A 59 16.18 4.57 23.14
C TRP A 59 14.76 4.56 23.70
N LYS A 60 13.84 3.85 23.02
CA LYS A 60 12.38 3.93 23.33
C LYS A 60 11.74 2.57 23.12
N ASN A 61 11.04 2.11 24.15
CA ASN A 61 10.25 0.88 24.09
C ASN A 61 10.96 -0.21 23.33
N ILE A 62 12.16 -0.58 23.84
CA ILE A 62 13.13 -1.32 23.07
C ILE A 62 12.81 -2.78 22.94
N SER A 63 11.85 -3.22 23.74
CA SER A 63 11.34 -4.61 23.65
C SER A 63 9.85 -4.50 23.25
N SER A 64 9.59 -4.73 22.01
CA SER A 64 8.24 -4.86 21.54
C SER A 64 8.32 -5.80 20.36
N LEU A 65 7.38 -6.70 20.27
CA LEU A 65 7.33 -7.64 19.18
C LEU A 65 6.57 -6.95 18.01
N THR A 66 6.86 -7.41 16.80
CA THR A 66 6.28 -6.84 15.62
C THR A 66 4.85 -7.31 15.43
N ASN A 67 3.97 -6.40 15.02
CA ASN A 67 2.66 -6.76 14.57
C ASN A 67 2.71 -6.89 13.06
N TRP A 68 2.81 -8.13 12.58
CA TRP A 68 3.03 -8.40 11.14
C TRP A 68 1.78 -8.09 10.32
N GLU A 69 0.60 -8.08 10.95
CA GLU A 69 -0.61 -7.70 10.24
C GLU A 69 -0.55 -6.20 9.89
N ASN A 70 -0.04 -5.40 10.81
CA ASN A 70 0.17 -3.96 10.58
C ASN A 70 1.20 -3.77 9.45
N VAL A 71 2.26 -4.55 9.50
CA VAL A 71 3.30 -4.52 8.46
C VAL A 71 2.69 -4.84 7.10
N ARG A 72 1.78 -5.80 7.06
CA ARG A 72 1.17 -6.18 5.77
C ARG A 72 0.40 -5.01 5.18
N ILE A 73 -0.39 -4.33 6.00
CA ILE A 73 -1.12 -3.16 5.48
C ILE A 73 -0.15 -2.07 5.00
N GLU A 74 0.96 -1.84 5.71
CA GLU A 74 1.90 -0.84 5.28
C GLU A 74 2.50 -1.17 3.93
N ILE A 75 2.85 -2.45 3.71
CA ILE A 75 3.40 -2.86 2.45
C ILE A 75 2.40 -2.61 1.34
N VAL A 76 1.13 -2.80 1.65
CA VAL A 76 0.01 -2.50 0.73
C VAL A 76 -0.13 -1.00 0.49
N ASP A 77 0.03 -0.20 1.53
CA ASP A 77 0.01 1.28 1.32
C ASP A 77 1.10 1.65 0.32
N ILE A 78 2.30 1.15 0.52
CA ILE A 78 3.42 1.48 -0.37
C ILE A 78 3.06 1.08 -1.78
N TRP A 79 2.42 -0.08 -1.90
CA TRP A 79 2.04 -0.58 -3.25
C TRP A 79 1.06 0.36 -3.93
N HIS A 80 0.08 0.89 -3.19
CA HIS A 80 -0.82 1.94 -3.82
C HIS A 80 0.00 3.07 -4.44
N PHE A 81 1.04 3.54 -3.74
CA PHE A 81 1.84 4.64 -4.25
C PHE A 81 2.75 4.23 -5.36
N ILE A 82 3.27 2.97 -5.35
CA ILE A 82 4.09 2.52 -6.46
C ILE A 82 3.21 2.35 -7.73
N LEU A 83 2.01 1.79 -7.59
CA LEU A 83 1.07 1.70 -8.73
C LEU A 83 0.84 3.09 -9.31
N SER A 84 0.62 4.05 -8.41
CA SER A 84 0.35 5.45 -8.84
C SER A 84 1.53 5.99 -9.64
N LEU A 85 2.75 5.77 -9.16
CA LEU A 85 3.92 6.17 -9.86
C LEU A 85 4.03 5.58 -11.26
N LEU A 86 3.75 4.28 -11.35
CA LEU A 86 3.74 3.61 -12.65
C LEU A 86 2.71 4.23 -13.59
N LEU A 87 1.51 4.44 -13.10
CA LEU A 87 0.46 5.04 -13.91
C LEU A 87 0.89 6.42 -14.40
N GLU A 88 1.45 7.22 -13.52
CA GLU A 88 1.89 8.56 -13.89
C GLU A 88 3.00 8.48 -14.98
N GLU A 89 3.94 7.54 -14.81
CA GLU A 89 5.14 7.42 -15.69
C GLU A 89 4.66 7.07 -17.06
N TYR A 90 3.65 6.24 -17.01
CA TYR A 90 2.60 6.08 -17.97
C TYR A 90 3.03 4.99 -18.89
N ASP A 97 -2.97 1.92 -20.80
CA ASP A 97 -2.77 0.53 -21.23
C ASP A 97 -2.30 -0.27 -20.03
N PHE A 98 -3.26 -0.69 -19.23
CA PHE A 98 -2.92 -1.30 -17.97
C PHE A 98 -2.21 -2.61 -18.28
N LYS A 99 -2.61 -3.29 -19.35
CA LYS A 99 -2.00 -4.57 -19.68
C LYS A 99 -0.52 -4.41 -19.94
N ALA A 100 -0.16 -3.34 -20.61
CA ALA A 100 1.26 -3.06 -20.90
C ALA A 100 2.08 -2.89 -19.65
N ILE A 101 1.55 -2.11 -18.70
CA ILE A 101 2.25 -1.88 -17.47
C ILE A 101 2.31 -3.19 -16.68
N ALA A 102 1.20 -3.90 -16.58
CA ALA A 102 1.19 -5.19 -15.86
C ALA A 102 2.25 -6.17 -16.43
N THR A 103 2.28 -6.26 -17.75
CA THR A 103 3.31 -7.09 -18.41
C THR A 103 4.75 -6.72 -18.02
N GLU A 104 5.05 -5.43 -17.90
CA GLU A 104 6.33 -4.96 -17.48
C GLU A 104 6.65 -5.34 -16.02
N VAL A 105 5.66 -5.19 -15.14
CA VAL A 105 5.82 -5.55 -13.75
C VAL A 105 6.09 -7.05 -13.65
N ASN A 106 5.27 -7.82 -14.35
CA ASN A 106 5.42 -9.29 -14.37
C ASN A 106 6.81 -9.76 -14.81
N ALA A 107 7.47 -8.98 -15.63
CA ALA A 107 8.80 -9.31 -16.17
C ALA A 107 9.97 -8.99 -15.22
N VAL A 108 9.70 -8.34 -14.10
CA VAL A 108 10.75 -8.09 -13.11
C VAL A 108 11.12 -9.43 -12.49
N SER A 109 12.41 -9.75 -12.44
CA SER A 109 12.83 -11.16 -12.12
C SER A 109 12.35 -11.72 -10.76
N VAL A 110 12.42 -10.90 -9.72
CA VAL A 110 11.96 -11.27 -8.37
C VAL A 110 10.44 -11.46 -8.31
N PHE A 111 9.68 -10.94 -9.29
CA PHE A 111 8.23 -11.07 -9.25
C PHE A 111 7.78 -12.54 -9.27
N GLN A 112 8.48 -13.36 -10.03
CA GLN A 112 8.20 -14.80 -10.03
C GLN A 112 8.37 -15.42 -8.63
N ASP A 113 9.40 -14.99 -7.91
CA ASP A 113 9.60 -15.43 -6.53
C ASP A 113 8.47 -14.94 -5.61
N PHE A 114 7.96 -13.77 -5.93
CA PHE A 114 6.86 -13.18 -5.15
C PHE A 114 5.54 -13.90 -5.31
N CYS A 115 5.43 -14.77 -6.28
CA CYS A 115 4.15 -15.42 -6.49
C CYS A 115 4.10 -16.76 -5.84
N LYS A 116 5.21 -17.17 -5.25
CA LYS A 116 5.30 -18.42 -4.53
C LYS A 116 4.71 -18.36 -3.13
N GLU A 117 4.71 -19.49 -2.43
CA GLU A 117 4.21 -19.54 -1.10
C GLU A 117 4.99 -18.59 -0.17
N GLU A 118 4.30 -18.00 0.78
CA GLU A 118 4.88 -16.95 1.60
C GLU A 118 5.72 -17.49 2.75
N GLU A 119 6.57 -16.58 3.25
CA GLU A 119 7.47 -16.78 4.36
C GLU A 119 6.91 -16.20 5.62
N TYR A 120 7.36 -16.71 6.74
CA TYR A 120 6.83 -16.34 8.04
C TYR A 120 7.99 -15.67 8.72
N PRO A 121 7.99 -14.32 8.73
CA PRO A 121 9.11 -13.68 9.30
C PRO A 121 9.06 -13.69 10.81
N ASN A 122 10.20 -13.48 11.42
CA ASN A 122 10.29 -13.33 12.86
C ASN A 122 11.17 -12.15 13.25
N GLU A 123 11.39 -11.98 14.55
CA GLU A 123 12.08 -10.81 15.03
C GLU A 123 13.53 -10.73 14.54
N GLY A 124 14.11 -11.89 14.20
CA GLY A 124 15.44 -12.05 13.62
C GLY A 124 15.65 -11.31 12.28
N ASP A 125 14.55 -11.01 11.64
CA ASP A 125 14.51 -10.51 10.26
C ASP A 125 14.42 -9.00 10.19
N ILE A 126 14.22 -8.35 11.34
CA ILE A 126 13.98 -6.89 11.34
C ILE A 126 15.13 -6.08 10.79
N TYR A 127 16.39 -6.29 11.18
CA TYR A 127 17.38 -5.32 10.67
C TYR A 127 17.56 -5.49 9.13
N GLY A 128 17.42 -6.71 8.62
CA GLY A 128 17.46 -6.97 7.15
C GLY A 128 16.32 -6.22 6.43
N ILE A 129 15.13 -6.31 7.05
CA ILE A 129 13.95 -5.61 6.54
C ILE A 129 14.22 -4.13 6.51
N LEU A 130 14.68 -3.59 7.63
CA LEU A 130 15.00 -2.17 7.74
C LEU A 130 16.00 -1.70 6.70
N ASN A 131 17.00 -2.51 6.42
CA ASN A 131 17.99 -2.16 5.38
C ASN A 131 17.28 -2.07 4.01
N ASP A 132 16.39 -3.02 3.69
CA ASP A 132 15.70 -2.99 2.42
C ASP A 132 14.79 -1.73 2.30
N ILE A 133 14.13 -1.38 3.41
CA ILE A 133 13.25 -0.19 3.37
C ILE A 133 14.12 1.02 3.11
N GLU A 134 15.29 1.03 3.73
CA GLU A 134 16.21 2.15 3.60
C GLU A 134 16.66 2.30 2.17
N LEU A 135 16.95 1.18 1.50
CA LEU A 135 17.22 1.21 0.04
C LEU A 135 16.11 1.89 -0.78
N ILE A 136 14.87 1.59 -0.45
CA ILE A 136 13.72 2.20 -1.16
C ILE A 136 13.63 3.71 -0.86
N ILE A 137 13.82 4.07 0.39
CA ILE A 137 13.76 5.51 0.81
C ILE A 137 14.86 6.23 0.02
N HIS A 138 16.07 5.66 -0.05
CA HIS A 138 17.16 6.29 -0.77
C HIS A 138 16.82 6.44 -2.22
N LYS A 139 16.33 5.39 -2.85
CA LYS A 139 16.07 5.47 -4.29
C LYS A 139 15.02 6.53 -4.57
N CYS A 140 13.90 6.48 -3.85
CA CYS A 140 12.72 7.36 -4.15
C CYS A 140 12.89 8.80 -3.74
N SER A 141 13.83 9.08 -2.82
CA SER A 141 14.15 10.42 -2.43
C SER A 141 15.17 11.07 -3.40
N GLY A 142 15.70 10.29 -4.33
CA GLY A 142 16.52 10.85 -5.37
C GLY A 142 15.75 10.95 -6.68
N PHE A 143 16.45 11.28 -7.75
CA PHE A 143 15.86 11.57 -9.02
C PHE A 143 16.42 10.68 -10.11
N GLY A 144 15.59 10.28 -11.05
CA GLY A 144 16.08 9.57 -12.25
C GLY A 144 16.35 8.10 -12.03
N PHE A 145 15.74 7.56 -10.99
CA PHE A 145 15.92 6.15 -10.69
C PHE A 145 15.12 5.29 -11.66
N ASN A 146 15.42 4.00 -11.67
CA ASN A 146 14.81 3.07 -12.59
C ASN A 146 13.62 2.36 -11.93
N LEU A 147 12.47 2.38 -12.59
CA LEU A 147 11.23 1.85 -12.02
C LEU A 147 11.36 0.37 -11.80
N GLY A 148 12.10 -0.30 -12.69
CA GLY A 148 12.27 -1.73 -12.57
C GLY A 148 13.05 -2.14 -11.33
N GLU A 149 14.11 -1.38 -11.05
CA GLU A 149 14.93 -1.54 -9.86
C GLU A 149 14.07 -1.25 -8.64
N LEU A 150 13.28 -0.19 -8.68
CA LEU A 150 12.33 0.03 -7.56
C LEU A 150 11.44 -1.17 -7.27
N LEU A 151 10.85 -1.69 -8.33
CA LEU A 151 9.94 -2.80 -8.21
C LEU A 151 10.66 -4.02 -7.64
N SER A 152 11.82 -4.33 -8.18
CA SER A 152 12.64 -5.45 -7.63
C SER A 152 12.85 -5.37 -6.14
N THR A 153 13.31 -4.19 -5.69
CA THR A 153 13.61 -3.97 -4.29
C THR A 153 12.35 -4.11 -3.48
N TYR A 154 11.27 -3.55 -4.00
CA TYR A 154 9.97 -3.65 -3.31
C TYR A 154 9.53 -5.10 -3.12
N PHE A 155 9.58 -5.88 -4.19
CA PHE A 155 9.11 -7.28 -4.04
C PHE A 155 10.01 -8.04 -3.08
N THR A 156 11.31 -7.79 -3.13
CA THR A 156 12.26 -8.43 -2.18
C THR A 156 11.86 -8.11 -0.73
N LEU A 157 11.60 -6.84 -0.47
CA LEU A 157 11.07 -6.42 0.84
C LEU A 157 9.75 -7.10 1.22
N ALA A 158 8.80 -7.13 0.30
CA ALA A 158 7.51 -7.71 0.54
C ALA A 158 7.65 -9.22 0.90
N ILE A 159 8.51 -9.88 0.18
CA ILE A 159 8.77 -11.30 0.48
C ILE A 159 9.36 -11.43 1.91
N LYS A 160 10.30 -10.58 2.26
CA LYS A 160 10.91 -10.63 3.59
C LYS A 160 9.82 -10.44 4.66
N CYS A 161 8.83 -9.58 4.36
CA CYS A 161 7.78 -9.22 5.31
C CYS A 161 6.61 -10.20 5.35
N GLY A 162 6.72 -11.25 4.55
CA GLY A 162 5.76 -12.36 4.58
C GLY A 162 4.55 -12.27 3.67
N LEU A 163 4.66 -11.45 2.63
CA LEU A 163 3.64 -11.37 1.62
C LEU A 163 4.02 -12.16 0.37
N ASN A 164 2.98 -12.46 -0.40
CA ASN A 164 3.14 -12.96 -1.73
C ASN A 164 2.05 -12.24 -2.55
N LEU A 165 1.93 -12.54 -3.82
CA LEU A 165 0.92 -11.86 -4.64
C LEU A 165 -0.52 -12.03 -4.15
N GLU A 166 -0.90 -13.24 -3.72
CA GLU A 166 -2.24 -13.49 -3.22
C GLU A 166 -2.59 -12.61 -2.04
N ILE A 167 -1.67 -12.54 -1.07
CA ILE A 167 -1.86 -11.77 0.16
C ILE A 167 -1.91 -10.28 -0.17
N LEU A 168 -1.02 -9.86 -1.04
CA LEU A 168 -0.96 -8.43 -1.44
C LEU A 168 -2.30 -8.05 -2.09
N TYR A 169 -2.79 -8.88 -2.97
CA TYR A 169 -4.01 -8.54 -3.72
C TYR A 169 -5.21 -8.46 -2.83
N LYS A 170 -5.40 -9.44 -1.95
CA LYS A 170 -6.54 -9.44 -1.06
C LYS A 170 -6.53 -8.18 -0.17
N THR A 171 -5.37 -7.90 0.40
CA THR A 171 -5.24 -6.80 1.37
C THR A 171 -5.34 -5.47 0.64
N TYR A 172 -4.80 -5.44 -0.56
CA TYR A 172 -4.89 -4.22 -1.42
C TYR A 172 -6.35 -3.89 -1.71
N ILE A 173 -7.12 -4.88 -2.16
CA ILE A 173 -8.54 -4.64 -2.45
C ILE A 173 -9.19 -3.99 -1.22
N GLY A 174 -8.93 -4.55 -0.05
CA GLY A 174 -9.56 -3.98 1.17
C GLY A 174 -9.16 -2.56 1.50
N LYS A 175 -7.87 -2.27 1.44
CA LYS A 175 -7.39 -0.95 1.77
C LYS A 175 -7.84 0.04 0.70
N ASN A 176 -7.92 -0.41 -0.55
CA ASN A 176 -8.46 0.45 -1.63
C ASN A 176 -9.90 0.88 -1.25
N VAL A 177 -10.75 -0.05 -0.79
CA VAL A 177 -12.09 0.33 -0.30
C VAL A 177 -12.05 1.41 0.78
N LEU A 178 -11.23 1.19 1.81
CA LEU A 178 -11.10 2.15 2.90
C LEU A 178 -10.63 3.50 2.40
N ASN A 179 -9.70 3.50 1.43
CA ASN A 179 -9.24 4.76 0.87
C ASN A 179 -10.36 5.53 0.15
N ILE A 180 -11.19 4.81 -0.61
CA ILE A 180 -12.39 5.40 -1.28
C ILE A 180 -13.36 5.91 -0.19
N PHE A 181 -13.58 5.10 0.81
CA PHE A 181 -14.46 5.48 1.92
C PHE A 181 -14.05 6.80 2.57
N ARG A 182 -12.78 6.90 2.88
CA ARG A 182 -12.27 8.15 3.48
C ARG A 182 -12.57 9.35 2.61
N GLN A 183 -12.27 9.22 1.30
CA GLN A 183 -12.49 10.33 0.36
C GLN A 183 -13.95 10.76 0.29
N ASN A 184 -14.88 9.83 0.50
CA ASN A 184 -16.32 10.13 0.45
C ASN A 184 -16.83 10.72 1.74
N ASN A 185 -15.98 10.79 2.77
CA ASN A 185 -16.39 11.09 4.14
C ASN A 185 -15.51 12.18 4.81
N GLY A 186 -14.98 13.08 3.99
CA GLY A 186 -14.36 14.30 4.50
C GLY A 186 -12.86 14.21 4.82
N TYR A 187 -12.16 13.30 4.16
CA TYR A 187 -10.74 13.17 4.48
C TYR A 187 -9.98 14.41 4.08
N LYS A 188 -10.30 14.97 2.91
CA LYS A 188 -9.60 16.17 2.41
C LYS A 188 -9.91 17.40 3.26
N ASP A 189 -11.18 17.59 3.63
CA ASP A 189 -11.51 18.78 4.39
C ASP A 189 -11.25 18.68 5.90
N GLY A 190 -10.82 17.52 6.36
CA GLY A 190 -10.42 17.31 7.73
C GLY A 190 -11.56 16.99 8.69
N SER A 191 -12.74 16.75 8.12
CA SER A 191 -13.93 16.47 8.95
C SER A 191 -14.01 14.97 9.32
N TYR A 192 -13.42 14.11 8.50
CA TYR A 192 -13.34 12.68 8.82
C TYR A 192 -12.78 12.35 10.18
N LYS A 193 -13.36 11.33 10.82
CA LYS A 193 -12.88 10.83 12.07
C LYS A 193 -12.28 9.45 11.86
N LYS A 194 -11.01 9.36 12.19
CA LYS A 194 -10.19 8.17 11.94
C LYS A 194 -10.35 7.06 12.99
N THR A 195 -10.77 7.44 14.19
CA THR A 195 -10.92 6.48 15.28
C THR A 195 -12.38 6.34 15.60
N TRP A 196 -12.85 5.09 15.53
CA TRP A 196 -14.25 4.78 15.65
C TRP A 196 -14.46 3.96 16.94
N ASN A 197 -14.98 4.60 17.97
CA ASN A 197 -15.14 3.97 19.30
C ASN A 197 -13.86 3.26 19.70
N GLY A 198 -12.79 4.04 19.64
CA GLY A 198 -11.49 3.54 20.08
C GLY A 198 -10.71 2.66 19.11
N LYS A 199 -11.28 2.26 17.95
CA LYS A 199 -10.54 1.42 17.01
C LYS A 199 -10.19 2.26 15.77
N GLU A 200 -8.94 2.26 15.36
CA GLU A 200 -8.57 3.02 14.15
C GLU A 200 -9.26 2.38 12.96
N ASP A 201 -9.64 3.21 11.99
CA ASP A 201 -10.27 2.69 10.79
C ASP A 201 -9.50 1.55 10.15
N ASN A 202 -8.18 1.61 10.12
CA ASN A 202 -7.38 0.48 9.56
C ASN A 202 -7.60 -0.82 10.28
N GLU A 203 -7.82 -0.73 11.59
CA GLU A 203 -8.07 -1.96 12.35
C GLU A 203 -9.51 -2.48 12.13
N VAL A 204 -10.50 -1.59 11.99
CA VAL A 204 -11.87 -2.01 11.60
C VAL A 204 -11.78 -2.75 10.26
N LEU A 205 -11.05 -2.16 9.30
CA LEU A 205 -10.81 -2.86 8.06
C LEU A 205 -10.18 -4.28 8.22
N ALA A 206 -9.08 -4.36 8.97
CA ALA A 206 -8.34 -5.60 9.20
C ALA A 206 -9.30 -6.66 9.72
N GLN A 207 -10.17 -6.27 10.65
CA GLN A 207 -11.23 -7.19 11.14
C GLN A 207 -12.17 -7.67 10.04
N ILE A 208 -12.65 -6.74 9.21
CA ILE A 208 -13.53 -7.05 8.10
C ILE A 208 -12.88 -8.02 7.09
N LEU A 209 -11.58 -7.81 6.84
CA LEU A 209 -10.80 -8.64 5.93
C LEU A 209 -10.56 -10.08 6.44
N GLU A 210 -10.97 -10.37 7.66
CA GLU A 210 -11.01 -11.76 8.13
C GLU A 210 -12.12 -12.60 7.46
N GLN A 211 -13.09 -12.00 6.78
CA GLN A 211 -14.20 -12.80 6.21
C GLN A 211 -14.53 -12.66 4.71
N GLU A 212 -13.51 -12.69 3.85
CA GLU A 212 -13.66 -12.99 2.38
C GLU A 212 -14.74 -12.24 1.55
N LEU A 213 -14.72 -10.91 1.59
CA LEU A 213 -15.80 -10.11 1.03
C LEU A 213 -15.37 -9.37 -0.25
N ASP A 214 -16.34 -9.00 -1.06
CA ASP A 214 -16.11 -8.14 -2.21
C ASP A 214 -16.13 -6.65 -1.88
N PHE A 215 -15.66 -5.89 -2.85
CA PHE A 215 -15.47 -4.44 -2.71
C PHE A 215 -16.67 -3.80 -2.04
N ASP A 216 -17.84 -4.04 -2.64
CA ASP A 216 -19.02 -3.34 -2.24
C ASP A 216 -19.50 -3.75 -0.87
N THR A 217 -19.29 -5.02 -0.52
CA THR A 217 -19.71 -5.47 0.78
C THR A 217 -18.79 -4.91 1.85
N ILE A 218 -17.49 -4.83 1.58
CA ILE A 218 -16.54 -4.21 2.52
C ILE A 218 -16.95 -2.76 2.79
N TYR A 219 -17.26 -2.04 1.73
CA TYR A 219 -17.67 -0.65 1.86
C TYR A 219 -18.89 -0.51 2.80
N LYS A 220 -19.89 -1.37 2.60
CA LYS A 220 -21.11 -1.35 3.43
C LYS A 220 -20.81 -1.57 4.91
N LYS A 221 -19.87 -2.47 5.21
CA LYS A 221 -19.52 -2.84 6.59
C LYS A 221 -18.80 -1.63 7.20
N LEU A 222 -17.95 -0.98 6.41
CA LEU A 222 -17.25 0.22 6.90
C LEU A 222 -18.25 1.34 7.23
N GLU A 223 -19.19 1.55 6.31
CA GLU A 223 -20.21 2.57 6.47
C GLU A 223 -20.99 2.33 7.78
N GLU A 224 -21.34 1.06 8.02
CA GLU A 224 -22.06 0.66 9.24
C GLU A 224 -21.27 0.91 10.51
N CYS A 225 -19.97 0.62 10.54
CA CYS A 225 -19.16 0.88 11.74
C CYS A 225 -18.98 2.38 11.91
N TYR A 226 -18.74 3.09 10.81
CA TYR A 226 -18.52 4.55 10.88
C TYR A 226 -19.70 5.34 11.47
N LYS A 227 -20.91 4.90 11.15
CA LYS A 227 -22.14 5.55 11.65
C LYS A 227 -22.25 5.53 13.20
N LYS A 228 -21.48 4.63 13.80
CA LYS A 228 -21.44 4.50 15.28
C LYS A 228 -20.41 5.42 15.92
N ALA A 229 -19.60 6.08 15.09
CA ALA A 229 -18.52 6.95 15.61
C ALA A 229 -19.02 8.30 16.13
O4 DUP B . -3.80 9.88 -4.36
C4 DUP B . -3.77 8.97 -3.47
C5 DUP B . -3.60 9.37 -2.13
C6 DUP B . -3.63 8.36 -1.14
N3 DUP B . -3.94 7.65 -3.77
C2 DUP B . -3.92 6.69 -2.79
O2 DUP B . -4.05 5.51 -3.08
N1 DUP B . -3.75 7.06 -1.49
C1' DUP B . -3.83 6.04 -0.45
C2' DUP B . -2.77 4.93 -0.57
C3' DUP B . -2.60 4.53 0.92
O3' DUP B . -3.19 3.20 1.09
O4' DUP B . -3.70 6.69 0.82
C4' DUP B . -3.35 5.61 1.73
C5' DUP B . -2.57 6.16 2.89
O5' DUP B . -3.45 7.04 3.59
PA DUP B . -2.89 7.92 4.82
O1A DUP B . -1.43 8.24 4.73
O2A DUP B . -3.80 9.13 4.82
N3A DUP B . -3.32 7.07 6.15
PB DUP B . -2.88 5.48 6.57
O1B DUP B . -3.94 4.56 6.12
O2B DUP B . -1.51 5.28 5.99
O3B DUP B . -2.98 5.54 8.15
PG DUP B . -2.44 6.31 9.42
O2G DUP B . -3.31 7.50 9.63
O1G DUP B . -1.01 6.77 9.28
O3G DUP B . -2.59 5.06 10.25
MG MG C . 0.31 6.79 5.55
MG MG D . -0.15 3.52 6.45
#